data_5MAE
#
_entry.id   5MAE
#
_cell.length_a   45.529
_cell.length_b   56.640
_cell.length_c   73.916
_cell.angle_alpha   90.00
_cell.angle_beta   90.00
_cell.angle_gamma   90.00
#
_symmetry.space_group_name_H-M   'P 21 21 21'
#
loop_
_entity.id
_entity.type
_entity.pdbx_description
1 polymer 'Cathepsin L1'
2 non-polymer [4-[cyclopentyl(pyrazin-2-ylmethyl)amino]-6-morpholin-4-yl-1,3,5-triazin-2-yl]methylideneazanide
3 non-polymer 1,2-ETHANEDIOL
4 water water
#
_entity_poly.entity_id   1
_entity_poly.type   'polypeptide(L)'
_entity_poly.pdbx_seq_one_letter_code
;APRSVDWREKGYVTPVKNQGQCGSCWAFSATGALEGQMFRKTGRLISLSEQNLVDCSGPQGNEGCNGGLMDYAFQYVQDN
GGLDSEESYPYEATEESCKYNPKYSVANDTGFVDIPKQEKALMKAVATVGPISVAIDAGHESFLFYKEGIYFEPDCSSED
MDHGVLVVGYGFESTESDNNKYWLVKNSWGEEWGMGGYVKMAKDRRNHCGIASAASYPTV
;
_entity_poly.pdbx_strand_id   A
#
loop_
_chem_comp.id
_chem_comp.type
_chem_comp.name
_chem_comp.formula
7KN non-polymer [4-[cyclopentyl(pyrazin-2-ylmethyl)amino]-6-morpholin-4-yl-1,3,5-triazin-2-yl]methylideneazanide 'C18 H23 N8 O -1'
EDO non-polymer 1,2-ETHANEDIOL 'C2 H6 O2'
#
# COMPACT_ATOMS: atom_id res chain seq x y z
N ALA A 1 -0.22 -18.13 -11.93
CA ALA A 1 -0.84 -16.77 -11.68
C ALA A 1 -1.86 -16.61 -12.84
N PRO A 2 -3.12 -16.18 -12.53
CA PRO A 2 -4.12 -15.74 -13.52
C PRO A 2 -3.64 -14.53 -14.31
N ARG A 3 -4.27 -14.33 -15.43
CA ARG A 3 -3.95 -13.20 -16.31
C ARG A 3 -4.43 -11.89 -15.75
N SER A 4 -5.37 -11.91 -14.84
N SER A 4 -5.55 -11.79 -15.00
CA SER A 4 -5.62 -10.68 -14.20
CA SER A 4 -6.11 -10.53 -14.35
C SER A 4 -6.16 -11.05 -12.81
C SER A 4 -6.64 -10.82 -12.93
N VAL A 5 -6.11 -10.03 -11.94
CA VAL A 5 -6.54 -10.14 -10.57
C VAL A 5 -7.02 -8.75 -10.14
N ASP A 6 -8.11 -8.63 -9.37
CA ASP A 6 -8.50 -7.37 -8.78
C ASP A 6 -9.15 -7.74 -7.43
N TRP A 7 -8.38 -7.52 -6.38
CA TRP A 7 -8.88 -7.81 -5.05
C TRP A 7 -9.95 -6.88 -4.58
N ARG A 8 -10.17 -5.70 -5.24
CA ARG A 8 -11.32 -4.92 -4.88
C ARG A 8 -12.56 -5.66 -5.12
N GLU A 9 -12.63 -6.46 -6.20
CA GLU A 9 -13.93 -7.15 -6.49
C GLU A 9 -14.27 -8.23 -5.43
N LYS A 10 -13.25 -8.70 -4.68
CA LYS A 10 -13.46 -9.81 -3.69
C LYS A 10 -13.68 -9.20 -2.32
N GLY A 11 -13.64 -7.84 -2.16
CA GLY A 11 -14.02 -7.26 -0.89
C GLY A 11 -12.80 -6.99 0.07
N TYR A 12 -11.55 -7.04 -0.49
CA TYR A 12 -10.35 -6.92 0.31
C TYR A 12 -9.88 -5.49 0.58
N VAL A 13 -10.52 -4.49 -0.04
CA VAL A 13 -9.92 -3.15 -0.17
C VAL A 13 -10.90 -2.10 0.35
N THR A 14 -10.45 -1.25 1.30
CA THR A 14 -11.33 -0.16 1.73
C THR A 14 -11.29 0.97 0.72
N PRO A 15 -12.21 1.92 0.90
CA PRO A 15 -12.18 3.11 0.03
C PRO A 15 -10.86 3.88 0.12
N VAL A 16 -10.60 4.66 -0.93
CA VAL A 16 -9.40 5.47 -1.00
C VAL A 16 -9.41 6.58 0.11
N LYS A 17 -8.22 6.68 0.70
CA LYS A 17 -7.99 7.61 1.80
C LYS A 17 -7.09 8.77 1.31
N ASN A 18 -6.91 9.73 2.19
CA ASN A 18 -6.12 10.93 1.79
C ASN A 18 -5.17 11.24 2.95
N GLN A 19 -3.87 11.08 2.73
CA GLN A 19 -2.82 11.34 3.73
C GLN A 19 -2.64 12.82 4.01
N GLY A 20 -3.16 13.74 3.16
CA GLY A 20 -2.97 15.15 3.39
C GLY A 20 -1.52 15.49 3.35
N GLN A 21 -1.18 16.62 4.05
CA GLN A 21 0.19 17.21 4.01
CA GLN A 21 0.20 17.21 4.02
C GLN A 21 1.08 16.62 5.11
N CYS A 22 1.20 15.34 5.06
CA CYS A 22 1.98 14.57 6.02
C CYS A 22 2.66 13.46 5.29
N GLY A 23 3.89 13.18 5.57
CA GLY A 23 4.73 12.13 4.93
C GLY A 23 4.40 10.73 5.50
N SER A 24 3.14 10.35 5.42
CA SER A 24 2.60 9.16 6.07
C SER A 24 2.10 8.12 5.03
N CYS A 25 2.52 8.23 3.78
CA CYS A 25 2.07 7.24 2.78
C CYS A 25 2.37 5.81 3.26
N TRP A 26 3.50 5.58 3.95
CA TRP A 26 3.89 4.30 4.43
C TRP A 26 2.86 3.73 5.36
N ALA A 27 2.17 4.57 6.12
CA ALA A 27 1.15 4.12 7.05
C ALA A 27 -0.09 3.66 6.28
N PHE A 28 -0.46 4.42 5.21
CA PHE A 28 -1.58 4.01 4.38
C PHE A 28 -1.32 2.76 3.57
N SER A 29 -0.10 2.61 3.08
CA SER A 29 0.28 1.38 2.37
C SER A 29 0.20 0.21 3.37
N ALA A 30 0.67 0.38 4.59
CA ALA A 30 0.69 -0.71 5.54
C ALA A 30 -0.72 -1.05 5.98
N THR A 31 -1.57 -0.07 6.31
CA THR A 31 -2.93 -0.38 6.66
C THR A 31 -3.67 -1.05 5.53
N GLY A 32 -3.39 -0.66 4.28
CA GLY A 32 -4.10 -1.30 3.16
C GLY A 32 -3.68 -2.78 3.09
N ALA A 33 -2.43 -3.09 3.23
CA ALA A 33 -2.00 -4.49 3.19
C ALA A 33 -2.61 -5.27 4.36
N LEU A 34 -2.59 -4.68 5.57
CA LEU A 34 -3.14 -5.42 6.72
C LEU A 34 -4.63 -5.52 6.63
N GLU A 35 -5.35 -4.53 6.06
CA GLU A 35 -6.80 -4.64 5.85
C GLU A 35 -7.12 -5.85 4.96
N GLY A 36 -6.28 -6.04 3.93
CA GLY A 36 -6.48 -7.18 3.06
C GLY A 36 -6.27 -8.49 3.78
N GLN A 37 -5.18 -8.59 4.55
CA GLN A 37 -4.81 -9.86 5.22
C GLN A 37 -5.85 -10.17 6.31
N MET A 38 -6.27 -9.15 7.06
CA MET A 38 -7.35 -9.40 8.06
C MET A 38 -8.61 -9.82 7.41
N PHE A 39 -8.96 -9.27 6.23
CA PHE A 39 -10.15 -9.70 5.54
C PHE A 39 -10.03 -11.15 5.14
N ARG A 40 -8.89 -11.57 4.60
CA ARG A 40 -8.77 -12.97 4.24
C ARG A 40 -8.89 -13.86 5.50
N LYS A 41 -8.30 -13.44 6.65
CA LYS A 41 -8.36 -14.21 7.88
C LYS A 41 -9.77 -14.32 8.41
N THR A 42 -10.53 -13.22 8.50
CA THR A 42 -11.70 -13.14 9.32
C THR A 42 -12.97 -12.98 8.52
N GLY A 43 -12.84 -12.56 7.25
CA GLY A 43 -13.97 -12.19 6.40
C GLY A 43 -14.60 -10.85 6.69
N ARG A 44 -13.96 -10.06 7.54
CA ARG A 44 -14.46 -8.71 7.91
CA ARG A 44 -14.45 -8.72 7.96
C ARG A 44 -13.43 -7.69 7.40
N LEU A 45 -13.97 -6.75 6.67
CA LEU A 45 -13.15 -5.59 6.13
C LEU A 45 -13.34 -4.42 7.11
N ILE A 46 -12.28 -4.07 7.79
CA ILE A 46 -12.35 -3.01 8.83
C ILE A 46 -11.23 -1.99 8.51
N SER A 47 -11.60 -0.73 8.28
CA SER A 47 -10.55 0.30 8.03
C SER A 47 -9.71 0.46 9.27
N LEU A 48 -8.39 0.46 9.09
CA LEU A 48 -7.43 0.54 10.17
C LEU A 48 -6.85 1.93 10.31
N SER A 49 -6.31 2.22 11.53
CA SER A 49 -5.85 3.59 11.88
C SER A 49 -4.42 3.84 11.48
N GLU A 50 -4.30 4.69 10.39
CA GLU A 50 -2.96 5.21 10.10
C GLU A 50 -2.42 6.16 11.22
N GLN A 51 -3.36 6.82 11.89
CA GLN A 51 -2.91 7.74 12.96
C GLN A 51 -2.22 6.97 14.05
N ASN A 52 -2.72 5.77 14.36
CA ASN A 52 -2.07 4.92 15.36
C ASN A 52 -0.64 4.64 14.97
N LEU A 53 -0.44 4.30 13.65
CA LEU A 53 0.90 4.08 13.21
C LEU A 53 1.76 5.34 13.25
N VAL A 54 1.20 6.44 12.77
CA VAL A 54 2.00 7.69 12.74
C VAL A 54 2.44 8.07 14.17
N ASP A 55 1.53 7.92 15.16
CA ASP A 55 1.83 8.38 16.53
C ASP A 55 2.67 7.42 17.30
N CYS A 56 2.64 6.12 17.00
CA CYS A 56 3.11 5.11 17.95
C CYS A 56 4.32 4.30 17.55
N SER A 57 4.64 4.34 16.22
CA SER A 57 5.64 3.38 15.69
C SER A 57 7.02 3.95 15.56
N GLY A 58 7.32 4.98 16.37
CA GLY A 58 8.71 5.48 16.48
C GLY A 58 9.72 4.45 16.89
N PRO A 59 9.44 3.56 17.90
CA PRO A 59 10.48 2.61 18.31
C PRO A 59 10.97 1.70 17.18
N GLN A 60 10.04 1.45 16.25
CA GLN A 60 10.34 0.52 15.11
C GLN A 60 11.01 1.27 14.01
N GLY A 61 11.23 2.57 14.10
CA GLY A 61 11.99 3.37 13.10
C GLY A 61 11.14 4.29 12.33
N ASN A 62 9.84 4.41 12.49
CA ASN A 62 9.07 5.38 11.75
C ASN A 62 9.18 6.76 12.35
N GLU A 63 8.91 7.75 11.48
CA GLU A 63 9.13 9.17 11.83
C GLU A 63 7.87 9.99 11.53
N GLY A 64 6.69 9.41 11.71
CA GLY A 64 5.48 10.18 11.68
C GLY A 64 5.26 10.77 10.30
N CYS A 65 5.05 12.13 10.28
CA CYS A 65 4.94 12.84 8.99
C CYS A 65 6.27 13.09 8.31
N ASN A 66 7.39 12.69 8.91
CA ASN A 66 8.74 12.78 8.33
C ASN A 66 9.20 11.43 7.71
N GLY A 67 8.20 10.59 7.39
CA GLY A 67 8.52 9.32 6.60
C GLY A 67 8.50 8.10 7.53
N GLY A 68 8.72 6.98 6.92
CA GLY A 68 8.62 5.68 7.59
C GLY A 68 8.63 4.61 6.55
N LEU A 69 8.46 3.37 6.96
CA LEU A 69 8.46 2.20 6.05
C LEU A 69 7.32 1.27 6.44
N MET A 70 6.77 0.60 5.46
CA MET A 70 5.71 -0.35 5.73
C MET A 70 6.21 -1.51 6.61
N ASP A 71 7.41 -1.99 6.40
CA ASP A 71 7.85 -3.13 7.24
C ASP A 71 8.01 -2.68 8.71
N TYR A 72 8.40 -1.42 8.94
CA TYR A 72 8.48 -0.93 10.33
C TYR A 72 7.10 -0.89 10.93
N ALA A 73 6.08 -0.49 10.15
CA ALA A 73 4.68 -0.52 10.61
C ALA A 73 4.23 -1.95 10.95
N PHE A 74 4.56 -2.92 10.08
CA PHE A 74 4.18 -4.31 10.40
C PHE A 74 4.89 -4.77 11.66
N GLN A 75 6.13 -4.40 11.84
CA GLN A 75 6.81 -4.78 13.08
C GLN A 75 6.19 -4.14 14.30
N TYR A 76 5.75 -2.86 14.23
CA TYR A 76 5.06 -2.24 15.33
C TYR A 76 3.80 -3.03 15.68
N VAL A 77 3.01 -3.42 14.69
CA VAL A 77 1.76 -4.09 15.05
C VAL A 77 2.08 -5.40 15.80
N GLN A 78 3.13 -6.11 15.34
CA GLN A 78 3.55 -7.34 16.06
C GLN A 78 4.00 -7.02 17.47
N ASP A 79 4.90 -6.05 17.63
CA ASP A 79 5.43 -5.72 18.93
C ASP A 79 4.29 -5.24 19.87
N ASN A 80 3.34 -4.47 19.35
CA ASN A 80 2.29 -3.87 20.10
C ASN A 80 1.22 -4.87 20.49
N GLY A 81 1.07 -5.91 19.67
CA GLY A 81 -0.05 -6.86 19.88
C GLY A 81 -1.35 -6.38 19.38
N GLY A 82 -1.36 -5.37 18.44
CA GLY A 82 -2.63 -4.92 17.94
C GLY A 82 -2.49 -3.57 17.17
N LEU A 83 -3.59 -3.20 16.63
CA LEU A 83 -3.73 -1.90 15.86
C LEU A 83 -5.17 -1.53 15.91
N ASP A 84 -5.43 -0.23 16.30
CA ASP A 84 -6.78 0.22 16.38
C ASP A 84 -7.48 0.42 15.05
N SER A 85 -8.79 0.43 15.08
CA SER A 85 -9.64 0.76 13.90
C SER A 85 -9.48 2.27 13.63
N GLU A 86 -9.69 2.63 12.32
CA GLU A 86 -9.74 3.99 11.95
C GLU A 86 -10.90 4.71 12.72
N GLU A 87 -12.07 4.05 12.87
CA GLU A 87 -13.11 4.71 13.60
C GLU A 87 -12.73 5.09 15.00
N SER A 88 -12.01 4.21 15.70
CA SER A 88 -11.61 4.54 17.11
C SER A 88 -10.51 5.53 17.22
N TYR A 89 -9.72 5.69 16.13
CA TYR A 89 -8.46 6.43 16.22
C TYR A 89 -8.30 7.17 14.90
N PRO A 90 -9.11 8.19 14.67
CA PRO A 90 -9.22 8.81 13.32
C PRO A 90 -7.95 9.56 12.91
N TYR A 91 -7.85 9.75 11.61
CA TYR A 91 -6.68 10.41 11.05
C TYR A 91 -6.67 11.95 11.25
N GLU A 92 -5.53 12.44 11.63
CA GLU A 92 -5.38 13.85 11.95
C GLU A 92 -4.39 14.54 10.98
N ALA A 93 -3.47 13.79 10.36
CA ALA A 93 -2.45 14.32 9.40
C ALA A 93 -1.37 15.14 10.03
N THR A 94 -1.19 14.98 11.36
CA THR A 94 -0.05 15.48 12.04
C THR A 94 0.34 14.39 13.08
N GLU A 95 1.62 14.33 13.41
CA GLU A 95 2.08 13.38 14.43
C GLU A 95 1.71 13.94 15.78
N GLU A 96 1.12 13.06 16.61
CA GLU A 96 0.70 13.43 17.94
C GLU A 96 1.12 12.35 18.93
N SER A 97 0.84 12.55 20.23
CA SER A 97 1.18 11.55 21.20
C SER A 97 0.45 10.22 20.89
N CYS A 98 1.07 9.10 21.25
CA CYS A 98 0.47 7.79 21.05
C CYS A 98 -0.77 7.60 21.92
N LYS A 99 -1.89 7.24 21.33
CA LYS A 99 -3.16 7.07 22.00
C LYS A 99 -3.68 5.64 21.78
N TYR A 100 -2.83 4.67 21.46
CA TYR A 100 -3.31 3.28 21.22
C TYR A 100 -4.08 2.77 22.47
N ASN A 101 -5.20 2.16 22.17
CA ASN A 101 -6.01 1.55 23.26
C ASN A 101 -6.33 0.12 22.81
N PRO A 102 -5.89 -0.94 23.51
CA PRO A 102 -6.09 -2.33 23.05
C PRO A 102 -7.55 -2.65 23.00
N LYS A 103 -8.43 -1.99 23.75
CA LYS A 103 -9.87 -2.31 23.69
C LYS A 103 -10.35 -2.21 22.22
N TYR A 104 -9.78 -1.29 21.46
CA TYR A 104 -10.24 -0.98 20.08
C TYR A 104 -9.36 -1.59 19.02
N SER A 105 -8.45 -2.51 19.44
CA SER A 105 -7.66 -3.24 18.47
C SER A 105 -8.51 -4.19 17.64
N VAL A 106 -8.40 -4.09 16.32
CA VAL A 106 -9.10 -4.96 15.41
C VAL A 106 -8.18 -5.70 14.47
N ALA A 107 -6.87 -5.59 14.61
CA ALA A 107 -5.95 -6.28 13.71
C ALA A 107 -4.71 -6.63 14.47
N ASN A 108 -3.97 -7.62 13.98
CA ASN A 108 -2.72 -8.03 14.53
CA ASN A 108 -2.76 -8.15 14.55
C ASN A 108 -1.89 -8.60 13.41
N ASP A 109 -0.63 -8.75 13.64
CA ASP A 109 0.22 -9.46 12.68
C ASP A 109 1.37 -10.10 13.42
N THR A 110 2.03 -11.02 12.72
CA THR A 110 3.08 -11.82 13.24
C THR A 110 4.41 -11.65 12.53
N GLY A 111 4.52 -10.52 11.83
CA GLY A 111 5.76 -10.24 11.08
C GLY A 111 5.33 -9.93 9.62
N PHE A 112 6.30 -10.13 8.75
CA PHE A 112 6.03 -9.67 7.37
C PHE A 112 6.90 -10.47 6.44
N VAL A 113 6.55 -10.48 5.17
CA VAL A 113 7.29 -11.17 4.12
C VAL A 113 7.83 -10.04 3.13
N ASP A 114 9.12 -10.07 2.88
CA ASP A 114 9.68 -9.23 1.82
C ASP A 114 9.71 -10.06 0.52
N ILE A 115 9.05 -9.59 -0.50
CA ILE A 115 8.99 -10.34 -1.79
C ILE A 115 10.28 -10.21 -2.51
N PRO A 116 10.71 -11.28 -3.22
CA PRO A 116 11.92 -11.15 -4.09
C PRO A 116 11.72 -10.02 -5.09
N LYS A 117 12.87 -9.38 -5.42
CA LYS A 117 12.83 -8.10 -6.15
C LYS A 117 12.68 -8.37 -7.67
N GLN A 118 11.58 -8.95 -8.04
CA GLN A 118 11.26 -9.32 -9.43
C GLN A 118 9.81 -9.18 -9.64
N GLU A 119 9.34 -8.68 -10.82
CA GLU A 119 7.97 -8.51 -11.06
C GLU A 119 7.24 -9.83 -11.16
N LYS A 120 7.90 -10.93 -11.63
N LYS A 120 7.89 -10.93 -11.64
CA LYS A 120 7.20 -12.20 -11.61
CA LYS A 120 7.24 -12.23 -11.59
C LYS A 120 6.90 -12.68 -10.18
C LYS A 120 6.90 -12.67 -10.17
N ALA A 121 7.83 -12.47 -9.26
CA ALA A 121 7.58 -12.78 -7.85
C ALA A 121 6.46 -11.90 -7.30
N LEU A 122 6.44 -10.61 -7.67
CA LEU A 122 5.38 -9.77 -7.22
C LEU A 122 4.04 -10.28 -7.71
N MET A 123 3.99 -10.70 -9.00
CA MET A 123 2.72 -11.19 -9.55
C MET A 123 2.24 -12.44 -8.80
N LYS A 124 3.17 -13.34 -8.52
CA LYS A 124 2.79 -14.56 -7.75
C LYS A 124 2.25 -14.15 -6.37
N ALA A 125 2.89 -13.18 -5.72
CA ALA A 125 2.42 -12.73 -4.41
C ALA A 125 1.05 -12.13 -4.54
N VAL A 126 0.79 -11.19 -5.47
CA VAL A 126 -0.46 -10.60 -5.57
C VAL A 126 -1.53 -11.67 -5.81
N ALA A 127 -1.24 -12.61 -6.65
CA ALA A 127 -2.28 -13.66 -6.97
C ALA A 127 -2.59 -14.58 -5.81
N THR A 128 -1.57 -14.81 -4.97
CA THR A 128 -1.75 -15.84 -3.89
C THR A 128 -2.05 -15.25 -2.51
N VAL A 129 -1.77 -13.97 -2.30
CA VAL A 129 -1.83 -13.36 -0.96
C VAL A 129 -2.97 -12.40 -0.85
N GLY A 130 -3.08 -11.45 -1.78
CA GLY A 130 -3.94 -10.30 -1.61
C GLY A 130 -3.18 -9.06 -1.95
N PRO A 131 -3.70 -7.88 -1.53
CA PRO A 131 -2.99 -6.60 -1.79
C PRO A 131 -1.59 -6.63 -1.12
N ILE A 132 -0.67 -5.97 -1.82
CA ILE A 132 0.69 -5.99 -1.44
C ILE A 132 1.25 -4.55 -1.29
N SER A 133 1.94 -4.22 -0.18
CA SER A 133 2.60 -2.90 -0.06
C SER A 133 3.79 -2.86 -0.99
N VAL A 134 3.96 -1.69 -1.68
CA VAL A 134 5.09 -1.51 -2.57
C VAL A 134 5.60 -0.05 -2.41
N ALA A 135 6.85 0.10 -2.78
CA ALA A 135 7.44 1.45 -2.94
C ALA A 135 7.68 1.70 -4.42
N ILE A 136 7.43 2.95 -4.84
CA ILE A 136 7.64 3.35 -6.25
C ILE A 136 8.39 4.68 -6.27
N ASP A 137 9.03 4.94 -7.41
CA ASP A 137 9.52 6.25 -7.78
C ASP A 137 8.30 7.04 -8.31
N ALA A 138 7.80 7.92 -7.44
CA ALA A 138 6.70 8.79 -7.78
C ALA A 138 7.16 10.25 -7.96
N GLY A 139 8.45 10.44 -8.11
CA GLY A 139 9.01 11.80 -8.07
C GLY A 139 9.07 12.52 -9.42
N HIS A 140 8.14 12.31 -10.26
CA HIS A 140 7.94 13.07 -11.53
C HIS A 140 6.62 13.71 -11.54
N GLU A 141 6.55 14.95 -12.13
CA GLU A 141 5.27 15.62 -12.22
C GLU A 141 4.28 14.84 -13.05
N SER A 142 4.78 13.94 -13.97
CA SER A 142 3.83 13.08 -14.76
C SER A 142 2.97 12.25 -13.71
N PHE A 143 3.59 11.87 -12.59
CA PHE A 143 2.83 11.08 -11.57
C PHE A 143 1.93 11.99 -10.76
N LEU A 144 2.43 13.13 -10.35
CA LEU A 144 1.60 14.06 -9.59
C LEU A 144 0.29 14.43 -10.32
N PHE A 145 0.38 14.64 -11.65
CA PHE A 145 -0.75 15.06 -12.47
C PHE A 145 -1.24 13.91 -13.34
N TYR A 146 -0.99 12.67 -12.94
CA TYR A 146 -1.59 11.50 -13.63
C TYR A 146 -3.09 11.56 -13.56
N LYS A 147 -3.77 11.23 -14.68
CA LYS A 147 -5.22 11.21 -14.76
C LYS A 147 -5.77 9.85 -15.05
N GLU A 148 -5.23 9.19 -16.10
CA GLU A 148 -5.85 7.94 -16.48
C GLU A 148 -4.91 7.21 -17.43
N GLY A 149 -5.22 5.95 -17.68
CA GLY A 149 -4.38 5.13 -18.62
C GLY A 149 -3.22 4.44 -17.91
N ILE A 150 -2.39 3.75 -18.62
CA ILE A 150 -1.19 3.08 -18.06
C ILE A 150 -0.11 4.12 -17.89
N TYR A 151 0.38 4.33 -16.69
CA TYR A 151 1.46 5.23 -16.40
C TYR A 151 2.76 4.60 -16.81
N PHE A 152 3.50 5.37 -17.69
CA PHE A 152 4.81 4.95 -18.09
C PHE A 152 5.69 6.13 -18.21
N GLU A 153 6.71 6.22 -17.39
CA GLU A 153 7.58 7.38 -17.28
C GLU A 153 8.96 6.96 -17.60
N PRO A 154 9.46 7.30 -18.79
CA PRO A 154 10.80 6.90 -19.19
C PRO A 154 11.90 7.23 -18.22
N ASP A 155 11.71 8.27 -17.44
CA ASP A 155 12.75 8.71 -16.51
CA ASP A 155 12.76 8.61 -16.52
C ASP A 155 12.60 7.99 -15.12
N CYS A 156 11.67 7.03 -14.99
CA CYS A 156 11.50 6.41 -13.70
C CYS A 156 12.67 5.57 -13.33
N SER A 157 12.95 5.55 -12.02
CA SER A 157 14.09 4.71 -11.52
C SER A 157 13.53 3.37 -10.96
N SER A 158 14.25 2.28 -11.09
CA SER A 158 13.89 0.99 -10.51
C SER A 158 14.54 0.83 -9.14
N GLU A 159 15.36 1.81 -8.67
CA GLU A 159 16.13 1.68 -7.45
C GLU A 159 15.81 2.89 -6.53
N ASP A 160 15.29 3.99 -7.05
CA ASP A 160 15.14 5.25 -6.26
C ASP A 160 13.71 5.51 -6.00
N MET A 161 13.12 4.72 -5.05
CA MET A 161 11.69 4.86 -4.70
C MET A 161 11.51 5.93 -3.55
N ASP A 162 10.41 6.60 -3.60
CA ASP A 162 10.14 7.73 -2.66
C ASP A 162 8.70 7.80 -2.21
N HIS A 163 7.89 6.73 -2.50
CA HIS A 163 6.46 6.79 -2.15
C HIS A 163 5.97 5.37 -1.93
N GLY A 164 5.18 5.15 -0.93
CA GLY A 164 4.57 3.83 -0.66
C GLY A 164 3.13 3.83 -0.98
N VAL A 165 2.73 2.72 -1.70
CA VAL A 165 1.38 2.57 -2.20
C VAL A 165 0.99 1.08 -2.11
N LEU A 166 -0.13 0.70 -2.68
CA LEU A 166 -0.65 -0.67 -2.45
C LEU A 166 -1.04 -1.25 -3.81
N VAL A 167 -0.49 -2.40 -4.15
CA VAL A 167 -0.92 -3.12 -5.37
C VAL A 167 -2.10 -3.98 -5.01
N VAL A 168 -3.25 -3.69 -5.62
CA VAL A 168 -4.47 -4.43 -5.39
C VAL A 168 -4.83 -5.41 -6.51
N GLY A 169 -3.98 -5.48 -7.58
CA GLY A 169 -4.31 -6.40 -8.68
C GLY A 169 -3.37 -6.06 -9.83
N TYR A 170 -3.69 -6.73 -10.93
CA TYR A 170 -2.93 -6.52 -12.20
C TYR A 170 -3.82 -6.97 -13.33
N GLY A 171 -3.48 -6.50 -14.56
CA GLY A 171 -4.30 -6.91 -15.66
C GLY A 171 -3.62 -6.35 -16.97
N PHE A 172 -4.48 -6.29 -17.98
CA PHE A 172 -3.95 -5.92 -19.29
C PHE A 172 -5.07 -5.22 -19.97
N GLU A 173 -4.71 -4.30 -20.87
CA GLU A 173 -5.72 -3.74 -21.67
C GLU A 173 -5.45 -3.87 -23.10
N SER A 174 -6.58 -3.86 -23.84
CA SER A 174 -6.38 -3.90 -25.27
C SER A 174 -6.80 -2.63 -25.89
N THR A 175 -5.80 -1.89 -26.47
CA THR A 175 -5.95 -0.49 -26.99
C THR A 175 -5.30 -0.20 -28.38
N ASN A 179 -1.57 -6.16 -25.75
CA ASN A 179 -1.40 -6.79 -24.43
C ASN A 179 -0.62 -5.80 -23.52
N ASN A 180 -1.12 -4.55 -23.20
CA ASN A 180 -0.27 -3.64 -22.45
C ASN A 180 -0.75 -3.97 -20.94
N LYS A 181 0.25 -4.36 -20.19
CA LYS A 181 -0.03 -4.91 -18.85
C LYS A 181 0.18 -3.78 -17.83
N TYR A 182 -0.51 -3.93 -16.72
CA TYR A 182 -0.38 -2.91 -15.63
C TYR A 182 -0.64 -3.59 -14.30
N TRP A 183 -0.07 -2.89 -13.27
CA TRP A 183 -0.42 -3.11 -11.86
C TRP A 183 -1.54 -2.15 -11.50
N LEU A 184 -2.52 -2.62 -10.77
N LEU A 184 -2.55 -2.64 -10.78
CA LEU A 184 -3.57 -1.76 -10.32
CA LEU A 184 -3.60 -1.79 -10.19
C LEU A 184 -3.10 -1.31 -8.89
C LEU A 184 -3.22 -1.25 -8.82
N VAL A 185 -2.91 0.02 -8.74
CA VAL A 185 -2.32 0.61 -7.56
C VAL A 185 -3.20 1.60 -6.89
N LYS A 186 -3.47 1.36 -5.60
CA LYS A 186 -4.23 2.27 -4.75
C LYS A 186 -3.27 3.28 -4.15
N ASN A 187 -3.50 4.57 -4.38
CA ASN A 187 -2.73 5.65 -3.76
C ASN A 187 -3.49 6.12 -2.52
N SER A 188 -2.92 7.12 -1.83
CA SER A 188 -3.47 7.73 -0.62
C SER A 188 -3.55 9.25 -0.75
N TRP A 189 -3.93 9.68 -1.98
CA TRP A 189 -4.07 11.11 -2.34
C TRP A 189 -5.48 11.50 -2.55
N GLY A 190 -6.46 10.74 -2.01
CA GLY A 190 -7.84 11.03 -2.19
C GLY A 190 -8.41 10.48 -3.50
N GLU A 191 -9.71 10.51 -3.59
CA GLU A 191 -10.45 9.94 -4.79
C GLU A 191 -10.28 10.80 -6.01
N GLU A 192 -9.94 12.09 -5.83
CA GLU A 192 -9.86 13.01 -7.04
C GLU A 192 -8.56 12.87 -7.78
N TRP A 193 -7.57 12.17 -7.26
CA TRP A 193 -6.32 11.98 -7.97
C TRP A 193 -6.47 10.79 -8.85
N GLY A 194 -5.92 10.81 -10.06
CA GLY A 194 -5.91 9.56 -10.88
C GLY A 194 -7.25 9.12 -11.18
N MET A 195 -7.38 7.78 -11.22
CA MET A 195 -8.61 7.11 -11.63
C MET A 195 -9.36 6.78 -10.33
N GLY A 196 -10.13 7.67 -9.79
CA GLY A 196 -10.78 7.35 -8.52
C GLY A 196 -9.76 7.14 -7.36
N GLY A 197 -8.56 7.66 -7.50
CA GLY A 197 -7.54 7.42 -6.48
C GLY A 197 -6.59 6.33 -6.77
N TYR A 198 -6.77 5.67 -7.94
CA TYR A 198 -5.92 4.59 -8.37
C TYR A 198 -5.09 5.00 -9.59
N VAL A 199 -4.00 4.28 -9.77
CA VAL A 199 -3.18 4.39 -10.98
C VAL A 199 -2.93 3.06 -11.51
N LYS A 200 -3.09 2.93 -12.84
N LYS A 200 -2.81 2.94 -12.86
CA LYS A 200 -2.60 1.76 -13.52
CA LYS A 200 -2.37 1.68 -13.57
C LYS A 200 -1.11 2.03 -13.82
C LYS A 200 -0.92 1.87 -13.89
N MET A 201 -0.18 1.22 -13.26
N MET A 201 -0.01 1.20 -13.17
CA MET A 201 1.29 1.36 -13.35
CA MET A 201 1.39 1.35 -13.41
C MET A 201 1.77 0.35 -14.40
C MET A 201 1.92 0.29 -14.32
N ALA A 202 2.70 0.70 -15.32
CA ALA A 202 3.18 -0.27 -16.32
C ALA A 202 3.80 -1.48 -15.62
N LYS A 203 3.37 -2.66 -16.12
CA LYS A 203 3.80 -3.99 -15.57
C LYS A 203 4.63 -4.71 -16.60
N ASP A 204 5.65 -5.42 -16.12
CA ASP A 204 6.57 -6.22 -16.93
C ASP A 204 7.27 -5.36 -17.96
N ARG A 205 7.60 -4.15 -17.54
CA ARG A 205 8.38 -3.14 -18.29
C ARG A 205 9.61 -2.85 -17.51
N ARG A 206 10.46 -3.83 -17.25
CA ARG A 206 11.75 -3.70 -16.64
C ARG A 206 11.63 -3.09 -15.22
N ASN A 207 10.67 -3.60 -14.44
CA ASN A 207 10.46 -3.14 -13.04
C ASN A 207 10.32 -1.64 -13.01
N HIS A 208 9.31 -1.18 -13.73
N HIS A 208 9.33 -1.16 -13.77
CA HIS A 208 9.12 0.23 -13.90
CA HIS A 208 9.05 0.27 -13.95
C HIS A 208 8.81 0.91 -12.61
C HIS A 208 8.76 0.94 -12.64
N CYS A 209 9.54 2.00 -12.38
CA CYS A 209 9.40 2.81 -11.15
C CYS A 209 9.75 2.02 -9.90
N GLY A 210 10.39 0.83 -10.01
CA GLY A 210 10.82 0.09 -8.85
C GLY A 210 9.73 -0.61 -8.10
N ILE A 211 8.58 -0.82 -8.71
CA ILE A 211 7.43 -1.39 -8.01
C ILE A 211 7.71 -2.76 -7.37
N ALA A 212 8.65 -3.56 -7.93
CA ALA A 212 9.01 -4.80 -7.31
C ALA A 212 10.20 -4.72 -6.40
N SER A 213 10.78 -3.54 -6.19
CA SER A 213 12.05 -3.48 -5.48
C SER A 213 11.93 -3.49 -3.92
N ALA A 214 10.75 -3.15 -3.41
CA ALA A 214 10.60 -3.11 -1.93
C ALA A 214 9.13 -3.43 -1.62
N ALA A 215 8.73 -4.62 -2.05
CA ALA A 215 7.32 -5.09 -1.89
C ALA A 215 7.25 -6.01 -0.68
N SER A 216 6.15 -5.89 0.08
CA SER A 216 6.04 -6.78 1.28
C SER A 216 4.60 -6.77 1.68
N TYR A 217 4.31 -7.71 2.66
CA TYR A 217 2.98 -7.76 3.22
C TYR A 217 3.09 -8.42 4.65
N PRO A 218 2.11 -8.15 5.47
CA PRO A 218 2.16 -8.68 6.85
C PRO A 218 1.62 -10.13 6.90
N THR A 219 2.17 -10.92 7.78
CA THR A 219 1.64 -12.23 8.07
C THR A 219 0.66 -12.12 9.24
N VAL A 220 -0.37 -12.93 9.19
CA VAL A 220 -1.41 -12.90 10.24
C VAL A 220 -1.71 -14.26 10.90
C16 7KN B . 9.67 4.91 0.24
C12 7KN B . 13.99 6.79 1.24
C11 7KN B . 13.99 7.83 0.27
C15 7KN B . 10.53 6.58 2.44
C14 7KN B . 11.64 7.05 1.66
C9 7KN B . 11.68 8.11 0.70
C1 7KN B . 10.35 11.83 2.72
C1 7KN B . 10.08 10.97 3.83
C2 7KN B . 10.61 12.13 4.18
C2 7KN B . 10.81 12.28 4.06
C4 7KN B . 8.46 13.13 4.41
C4 7KN B . 8.98 13.65 3.48
C5 7KN B . 8.03 12.73 2.98
C5 7KN B . 8.05 12.48 3.27
O3 7KN B . 9.89 13.34 4.41
O3 7KN B . 9.95 13.33 4.46
N6 7KN B . 8.89 11.56 2.77
N6 7KN B . 8.87 11.27 3.08
N7 7KN B . 4.25 9.96 1.99
N7 7KN B . 4.25 9.96 2.00
C8 7KN B . 5.08 8.96 1.76
N10 7KN B . 12.81 8.42 -0.05
N13 7KN B . 12.83 6.38 1.89
C17 7KN B . 9.57 3.47 0.65
C18 7KN B . 8.17 3.36 1.31
C19 7KN B . 7.98 4.77 1.98
C20 7KN B . 8.66 5.81 0.95
N21 7KN B . 9.29 6.94 1.65
N22 7KN B . 9.12 9.29 2.24
N22 7KN B . 9.07 9.16 2.38
C23 7KN B . 8.56 8.11 1.82
C23 7KN B . 8.52 8.06 1.84
N24 7KN B . 7.23 8.01 1.63
N24 7KN B . 7.21 8.00 1.62
C25 7KN B . 6.48 9.10 1.87
C25 7KN B . 6.47 9.08 1.89
N26 7KN B . 7.01 10.24 2.33
N26 7KN B . 6.98 10.18 2.44
C27 7KN B . 8.34 10.34 2.43
C27 7KN B . 8.28 10.18 2.61
C1 EDO C . -8.13 4.85 20.62
C1 EDO C . -8.12 4.86 20.60
O1 EDO C . -9.18 4.63 21.54
O1 EDO C . -9.16 4.64 21.55
C2 EDO C . -7.77 6.31 20.51
C2 EDO C . -7.63 6.29 20.53
O2 EDO C . -7.30 6.72 21.81
O2 EDO C . -8.55 7.21 19.97
C1 EDO D . 7.08 11.54 -3.99
O1 EDO D . 7.88 12.23 -4.96
C2 EDO D . 5.63 11.70 -4.24
O2 EDO D . 5.22 13.10 -4.46
C1 EDO E . 4.52 -0.63 22.17
O1 EDO E . 5.48 -0.56 23.15
C2 EDO E . 5.19 -1.16 20.90
O2 EDO E . 6.08 -0.24 20.36
C1 EDO F . -7.09 -5.18 -12.82
O1 EDO F . -7.69 -3.85 -13.23
C2 EDO F . -7.72 -6.44 -13.36
O2 EDO F . -8.23 -6.17 -14.70
#